data_2R62
#
_entry.id   2R62
#
_cell.length_a   141.217
_cell.length_b   141.217
_cell.length_c   54.659
_cell.angle_alpha   90.00
_cell.angle_beta   90.00
_cell.angle_gamma   120.00
#
_symmetry.space_group_name_H-M   'P 64'
#
_entity_poly.entity_id   1
_entity_poly.type   'polypeptide(L)'
_entity_poly.pdbx_seq_one_letter_code
;INAEKPNVRFKDMAGNEEAKEEVVEIVDFLKYPERYANLGAKIPKGVLLVGPPGTGKTLLAKAVAGEAHVPFFSMGGSSF
IEMFVGLGASRVRDLFETAKKQAPSIIFIDEIDAIGKSRAAGGVVSGNDEREQTLNQLLAEMDGFGSENAPVIVLAATNR
PEILDPALMRPGRFDRQVLVDKPDFNGRVEILKVHIKGVKLANDVNLQEVAKLTAGLAGADLANIINEAALLAGRNNQKE
VRQQHLKEAVERGIAGLEKKLEHHHHHH
;
_entity_poly.pdbx_strand_id   A,B
#
# COMPACT_ATOMS: atom_id res chain seq x y z
N ILE A 1 -10.16 -19.15 7.40
CA ILE A 1 -10.01 -18.83 5.95
C ILE A 1 -8.72 -18.03 5.69
N ASN A 2 -8.36 -17.16 6.64
CA ASN A 2 -7.19 -16.26 6.56
C ASN A 2 -7.46 -15.08 5.65
N ALA A 3 -7.55 -13.88 6.28
CA ALA A 3 -8.06 -12.70 5.56
C ALA A 3 -7.02 -11.74 4.96
N GLU A 4 -7.49 -10.58 4.52
CA GLU A 4 -6.71 -9.65 3.72
C GLU A 4 -6.21 -8.40 4.48
N LYS A 5 -5.26 -7.72 3.83
CA LYS A 5 -4.70 -6.45 4.25
C LYS A 5 -4.65 -5.69 2.92
N PRO A 6 -5.76 -4.98 2.55
CA PRO A 6 -5.96 -4.50 1.17
C PRO A 6 -4.87 -3.57 0.66
N ASN A 7 -4.89 -3.29 -0.63
CA ASN A 7 -3.93 -2.34 -1.19
C ASN A 7 -4.65 -1.05 -1.60
N VAL A 8 -5.08 -0.31 -0.59
CA VAL A 8 -5.86 0.89 -0.78
C VAL A 8 -5.20 1.93 0.08
N ARG A 9 -5.24 3.20 -0.29
CA ARG A 9 -4.61 4.22 0.55
C ARG A 9 -5.25 5.55 0.34
N PHE A 10 -5.50 6.24 1.43
CA PHE A 10 -6.13 7.52 1.36
C PHE A 10 -5.68 8.22 0.12
N LYS A 11 -4.46 8.75 0.13
CA LYS A 11 -3.94 9.48 -1.02
C LYS A 11 -3.54 8.44 -2.09
N ASP A 12 -4.56 7.82 -2.67
CA ASP A 12 -4.45 6.68 -3.56
C ASP A 12 -5.92 6.31 -3.77
N MET A 13 -6.79 7.02 -3.08
CA MET A 13 -8.21 6.71 -3.10
C MET A 13 -8.90 7.40 -4.27
N ALA A 14 -9.60 8.49 -3.97
CA ALA A 14 -10.37 9.26 -4.96
C ALA A 14 -10.72 10.65 -4.41
N GLY A 15 -9.72 11.31 -3.86
CA GLY A 15 -9.81 12.69 -3.40
C GLY A 15 -10.92 13.00 -2.40
N ASN A 16 -11.07 12.13 -1.40
CA ASN A 16 -12.10 12.38 -0.41
C ASN A 16 -11.55 12.76 0.95
N GLU A 17 -10.56 13.66 0.93
CA GLU A 17 -9.87 14.15 2.12
C GLU A 17 -10.76 15.08 2.95
N GLU A 18 -11.25 14.58 4.08
CA GLU A 18 -12.06 15.36 5.04
C GLU A 18 -12.64 14.44 6.06
N ALA A 19 -12.80 13.18 5.64
CA ALA A 19 -13.25 12.11 6.49
C ALA A 19 -12.02 11.27 6.74
N LYS A 20 -11.20 11.16 5.69
CA LYS A 20 -9.89 10.54 5.80
C LYS A 20 -9.32 11.02 7.12
N GLU A 21 -9.13 12.34 7.22
CA GLU A 21 -8.65 12.96 8.45
C GLU A 21 -9.12 12.24 9.70
N GLU A 22 -10.43 12.11 9.82
CA GLU A 22 -11.04 11.50 10.99
C GLU A 22 -10.52 10.10 11.01
N VAL A 23 -11.05 9.32 10.08
CA VAL A 23 -10.56 7.99 9.86
C VAL A 23 -9.05 7.92 10.10
N VAL A 24 -8.29 8.93 9.67
CA VAL A 24 -6.85 8.91 9.96
C VAL A 24 -6.55 8.59 11.43
N GLU A 25 -7.34 9.15 12.36
CA GLU A 25 -7.06 8.98 13.80
C GLU A 25 -7.16 7.52 14.25
N ILE A 26 -7.92 6.72 13.49
CA ILE A 26 -8.06 5.28 13.74
C ILE A 26 -6.85 4.53 13.28
N VAL A 27 -6.12 5.13 12.34
CA VAL A 27 -4.95 4.48 11.85
C VAL A 27 -3.96 4.58 12.98
N ASP A 28 -3.60 5.81 13.32
CA ASP A 28 -2.64 6.01 14.38
C ASP A 28 -2.90 5.06 15.56
N PHE A 29 -4.18 4.78 15.85
CA PHE A 29 -4.54 3.79 16.87
C PHE A 29 -3.89 2.45 16.63
N LEU A 30 -4.29 1.81 15.52
CA LEU A 30 -3.82 0.47 15.18
C LEU A 30 -2.32 0.50 14.94
N LYS A 31 -1.84 1.60 14.37
CA LYS A 31 -0.43 1.77 14.17
C LYS A 31 0.28 1.69 15.51
N TYR A 32 -0.07 2.57 16.45
CA TYR A 32 0.64 2.62 17.74
C TYR A 32 -0.22 2.38 19.01
N PRO A 33 -0.82 1.18 19.16
CA PRO A 33 -1.72 0.94 20.28
C PRO A 33 -0.98 1.09 21.59
N GLU A 34 0.34 1.11 21.49
CA GLU A 34 1.17 1.15 22.65
C GLU A 34 1.23 2.57 23.17
N ARG A 35 1.50 3.55 22.31
CA ARG A 35 1.63 4.91 22.83
C ARG A 35 0.46 5.15 23.77
N TYR A 36 -0.72 4.65 23.40
CA TYR A 36 -1.92 4.86 24.16
C TYR A 36 -1.91 4.01 25.42
N ALA A 37 -1.63 2.72 25.25
CA ALA A 37 -1.53 1.83 26.39
C ALA A 37 -0.34 2.18 27.27
N ASN A 38 0.21 3.38 27.06
CA ASN A 38 1.26 3.96 27.91
C ASN A 38 0.82 5.26 28.58
N LEU A 39 -0.08 5.99 27.92
CA LEU A 39 -0.66 7.20 28.46
C LEU A 39 -1.85 6.82 29.29
N GLY A 40 -2.43 5.68 28.95
CA GLY A 40 -3.69 5.25 29.54
C GLY A 40 -4.85 5.95 28.84
N ALA A 41 -5.63 5.16 28.10
CA ALA A 41 -6.78 5.58 27.28
C ALA A 41 -6.72 4.73 26.04
N LYS A 42 -7.86 4.47 25.42
CA LYS A 42 -7.85 3.73 24.15
C LYS A 42 -9.27 3.58 23.69
N ILE A 43 -9.46 2.98 22.50
CA ILE A 43 -10.79 2.75 21.97
C ILE A 43 -10.98 1.52 21.09
N PRO A 44 -10.68 0.29 21.58
CA PRO A 44 -11.05 -0.90 20.79
C PRO A 44 -12.57 -1.10 20.71
N LYS A 45 -13.21 -0.25 19.91
CA LYS A 45 -14.65 -0.13 19.76
C LYS A 45 -14.88 0.31 18.32
N GLY A 46 -16.04 0.02 17.73
CA GLY A 46 -16.34 0.52 16.37
C GLY A 46 -16.39 2.04 16.05
N VAL A 47 -16.64 2.36 14.78
CA VAL A 47 -16.89 3.72 14.31
C VAL A 47 -17.88 3.60 13.17
N LEU A 48 -18.74 4.60 12.99
CA LEU A 48 -19.85 4.41 12.08
C LEU A 48 -19.86 5.32 10.88
N LEU A 49 -18.85 5.17 10.04
CA LEU A 49 -18.86 5.85 8.75
C LEU A 49 -20.29 5.88 8.24
N VAL A 50 -20.82 7.08 8.11
CA VAL A 50 -22.20 7.28 7.73
C VAL A 50 -22.30 8.42 6.70
N GLY A 51 -23.18 8.23 5.73
CA GLY A 51 -23.42 9.19 4.66
C GLY A 51 -24.37 8.63 3.60
N PRO A 52 -24.55 9.38 2.48
CA PRO A 52 -25.53 9.16 1.41
C PRO A 52 -25.34 7.83 0.66
N PRO A 53 -25.27 7.84 -0.70
CA PRO A 53 -25.22 6.51 -1.32
C PRO A 53 -23.83 5.98 -1.61
N GLY A 54 -23.01 6.80 -2.29
CA GLY A 54 -21.79 6.30 -2.89
C GLY A 54 -20.61 7.23 -2.74
N THR A 55 -20.02 7.24 -1.54
CA THR A 55 -18.93 8.15 -1.24
C THR A 55 -17.68 7.41 -0.80
N GLY A 56 -17.63 6.12 -1.13
CA GLY A 56 -16.42 5.34 -0.91
C GLY A 56 -16.26 5.14 0.57
N LYS A 57 -17.38 5.18 1.26
CA LYS A 57 -17.47 4.71 2.60
C LYS A 57 -16.92 3.28 2.57
N THR A 58 -17.55 2.45 1.76
CA THR A 58 -17.20 1.03 1.61
C THR A 58 -15.76 0.91 1.14
N LEU A 59 -15.16 2.05 0.77
CA LEU A 59 -13.77 2.13 0.30
C LEU A 59 -12.92 2.52 1.48
N LEU A 60 -12.99 3.80 1.85
CA LEU A 60 -12.40 4.29 3.09
C LEU A 60 -12.37 3.23 4.19
N ALA A 61 -13.45 2.48 4.29
CA ALA A 61 -13.51 1.33 5.16
C ALA A 61 -12.17 0.62 5.07
N LYS A 62 -11.92 0.02 3.91
CA LYS A 62 -10.68 -0.66 3.64
C LYS A 62 -9.50 0.27 3.87
N ALA A 63 -9.63 1.51 3.39
CA ALA A 63 -8.47 2.39 3.29
C ALA A 63 -7.79 2.71 4.63
N VAL A 64 -8.34 2.20 5.74
CA VAL A 64 -7.67 2.33 7.04
C VAL A 64 -6.89 1.06 7.38
N ALA A 65 -7.35 -0.08 6.87
CA ALA A 65 -6.57 -1.30 7.02
C ALA A 65 -5.26 -1.10 6.25
N GLY A 66 -5.38 -1.09 4.93
CA GLY A 66 -4.24 -0.93 4.06
C GLY A 66 -3.37 0.24 4.45
N GLU A 67 -3.96 1.24 5.10
CA GLU A 67 -3.19 2.39 5.59
C GLU A 67 -2.27 2.05 6.76
N ALA A 68 -2.66 1.03 7.52
CA ALA A 68 -2.00 0.63 8.76
C ALA A 68 -1.32 -0.72 8.64
N HIS A 69 -1.32 -1.31 7.45
CA HIS A 69 -0.67 -2.60 7.24
C HIS A 69 -1.29 -3.68 8.11
N VAL A 70 -2.48 -3.37 8.60
CA VAL A 70 -3.24 -4.28 9.44
C VAL A 70 -4.36 -4.96 8.61
N PRO A 71 -4.82 -6.15 9.04
CA PRO A 71 -5.83 -6.90 8.26
C PRO A 71 -7.25 -6.28 8.20
N PHE A 72 -8.10 -6.89 7.37
CA PHE A 72 -9.42 -6.37 7.08
C PHE A 72 -10.54 -7.43 7.16
N PHE A 73 -10.46 -8.36 8.11
CA PHE A 73 -11.46 -9.45 8.22
C PHE A 73 -12.79 -8.79 8.25
N SER A 74 -13.74 -9.25 7.44
CA SER A 74 -15.07 -8.66 7.46
C SER A 74 -16.00 -9.09 6.35
N MET A 75 -16.90 -10.02 6.65
CA MET A 75 -17.90 -10.41 5.67
C MET A 75 -18.84 -9.23 5.39
N GLY A 76 -19.16 -8.48 6.44
CA GLY A 76 -20.08 -7.35 6.31
C GLY A 76 -21.51 -7.77 6.54
N GLY A 77 -22.31 -6.85 7.11
CA GLY A 77 -23.71 -7.13 7.43
C GLY A 77 -24.49 -7.55 6.21
N SER A 78 -24.64 -8.86 6.02
CA SER A 78 -25.16 -9.43 4.78
C SER A 78 -25.78 -10.83 4.93
N SER A 79 -24.93 -11.86 4.86
CA SER A 79 -25.35 -13.28 4.79
C SER A 79 -26.09 -13.79 6.04
N PHE A 80 -26.49 -12.87 6.93
CA PHE A 80 -27.21 -13.26 8.15
C PHE A 80 -28.73 -13.14 8.01
N ILE A 81 -29.19 -12.12 7.27
CA ILE A 81 -30.58 -12.12 6.81
C ILE A 81 -30.72 -13.26 5.80
N GLU A 82 -29.59 -13.55 5.13
CA GLU A 82 -29.46 -14.66 4.17
C GLU A 82 -29.42 -16.05 4.85
N MET A 83 -29.31 -16.07 6.19
CA MET A 83 -29.41 -17.33 6.94
C MET A 83 -30.54 -17.32 7.99
N PHE A 84 -31.59 -18.09 7.67
CA PHE A 84 -32.86 -18.20 8.43
C PHE A 84 -32.70 -18.60 9.91
N VAL A 85 -33.23 -19.78 10.28
CA VAL A 85 -33.17 -20.24 11.68
C VAL A 85 -32.00 -21.19 11.93
N GLY A 86 -31.45 -21.16 13.16
CA GLY A 86 -30.37 -22.07 13.59
C GLY A 86 -29.05 -22.03 12.79
N LEU A 87 -27.94 -22.19 13.52
CA LEU A 87 -26.58 -22.22 12.91
C LEU A 87 -26.29 -20.92 12.17
N GLY A 88 -26.09 -19.83 12.92
CA GLY A 88 -25.93 -18.51 12.31
C GLY A 88 -24.70 -17.75 12.73
N ALA A 89 -24.43 -17.74 14.04
CA ALA A 89 -23.25 -17.09 14.60
C ALA A 89 -22.15 -18.11 14.91
N SER A 90 -21.71 -18.81 13.85
CA SER A 90 -20.59 -19.76 13.96
C SER A 90 -19.35 -19.23 13.23
N ARG A 91 -19.55 -18.31 12.30
CA ARG A 91 -18.48 -17.60 11.62
C ARG A 91 -18.50 -16.17 12.13
N VAL A 92 -19.48 -15.88 12.99
CA VAL A 92 -19.75 -14.52 13.44
C VAL A 92 -19.12 -14.22 14.79
N ARG A 93 -19.10 -15.20 15.69
CA ARG A 93 -18.37 -15.07 16.96
C ARG A 93 -17.03 -15.82 16.87
N ASP A 94 -16.85 -16.57 15.79
CA ASP A 94 -15.55 -17.14 15.47
C ASP A 94 -14.87 -16.19 14.48
N LEU A 95 -15.53 -15.03 14.28
CA LEU A 95 -15.02 -13.95 13.45
C LEU A 95 -14.06 -13.09 14.27
N PHE A 96 -14.49 -12.71 15.48
CA PHE A 96 -13.68 -11.87 16.37
C PHE A 96 -12.36 -12.49 16.83
N GLU A 97 -12.39 -13.79 17.13
CA GLU A 97 -11.22 -14.54 17.58
C GLU A 97 -10.08 -14.45 16.56
N THR A 98 -10.44 -14.48 15.27
CA THR A 98 -9.47 -14.34 14.21
C THR A 98 -8.66 -13.09 14.45
N ALA A 99 -9.37 -11.96 14.57
CA ALA A 99 -8.73 -10.66 14.81
C ALA A 99 -8.01 -10.63 16.16
N LYS A 100 -8.66 -11.21 17.17
CA LYS A 100 -8.12 -11.37 18.53
C LYS A 100 -6.79 -12.11 18.47
N LYS A 101 -6.68 -13.04 17.51
CA LYS A 101 -5.43 -13.66 17.14
C LYS A 101 -4.62 -12.59 16.42
N GLN A 102 -4.82 -12.53 15.11
CA GLN A 102 -4.14 -11.61 14.22
C GLN A 102 -4.57 -10.21 14.59
N ALA A 103 -3.81 -9.59 15.48
CA ALA A 103 -4.19 -8.31 16.05
C ALA A 103 -3.00 -7.39 16.02
N PRO A 104 -3.22 -6.08 15.91
CA PRO A 104 -4.45 -5.30 15.81
C PRO A 104 -5.04 -5.42 14.41
N SER A 105 -6.35 -5.20 14.27
CA SER A 105 -7.01 -5.36 12.96
C SER A 105 -8.29 -4.55 12.81
N ILE A 106 -9.06 -4.81 11.75
CA ILE A 106 -10.31 -4.12 11.50
C ILE A 106 -11.42 -5.07 11.14
N ILE A 107 -12.43 -5.13 11.99
CA ILE A 107 -13.61 -5.87 11.63
C ILE A 107 -14.56 -4.85 11.04
N PHE A 108 -14.88 -4.99 9.77
CA PHE A 108 -15.77 -4.04 9.13
C PHE A 108 -17.06 -4.72 8.71
N ILE A 109 -18.11 -4.46 9.48
CA ILE A 109 -19.46 -4.93 9.17
C ILE A 109 -19.98 -4.11 8.02
N ASP A 110 -20.83 -4.70 7.19
CA ASP A 110 -21.48 -3.92 6.19
C ASP A 110 -22.87 -3.56 6.66
N GLU A 111 -23.37 -2.49 6.06
CA GLU A 111 -24.73 -1.97 6.23
C GLU A 111 -25.37 -2.53 7.49
N ILE A 112 -24.85 -2.12 8.63
CA ILE A 112 -25.32 -2.61 9.90
C ILE A 112 -26.76 -3.06 9.80
N ASP A 113 -27.63 -2.14 9.37
CA ASP A 113 -29.08 -2.40 9.20
C ASP A 113 -29.38 -3.89 9.19
N ALA A 114 -28.92 -4.54 8.11
CA ALA A 114 -29.11 -5.96 7.88
C ALA A 114 -29.16 -6.72 9.18
N ILE A 115 -28.11 -6.57 9.99
CA ILE A 115 -28.05 -7.21 11.29
C ILE A 115 -29.41 -7.03 12.01
N GLY A 116 -29.98 -8.15 12.48
CA GLY A 116 -31.32 -8.14 13.09
C GLY A 116 -32.20 -9.28 12.60
N LYS A 117 -32.86 -9.06 11.44
CA LYS A 117 -33.69 -10.07 10.77
C LYS A 117 -32.98 -10.57 9.50
N ASN A 128 -41.64 -18.72 18.60
CA ASN A 128 -41.69 -18.55 17.14
C ASN A 128 -41.02 -17.25 16.66
N ASP A 129 -41.48 -16.13 17.20
CA ASP A 129 -40.96 -14.77 16.87
C ASP A 129 -40.94 -14.42 15.38
N GLU A 130 -40.38 -13.24 15.08
CA GLU A 130 -40.34 -12.67 13.74
C GLU A 130 -39.52 -11.36 13.83
N ARG A 131 -38.59 -11.29 14.79
CA ARG A 131 -37.86 -10.05 15.17
C ARG A 131 -36.32 -10.12 15.25
N GLU A 132 -35.71 -9.04 15.76
CA GLU A 132 -34.24 -8.85 15.82
C GLU A 132 -33.55 -9.72 16.85
N GLN A 133 -32.34 -10.15 16.54
CA GLN A 133 -31.66 -11.15 17.35
C GLN A 133 -30.17 -11.11 17.06
N THR A 134 -29.84 -11.08 15.77
CA THR A 134 -28.46 -10.92 15.33
C THR A 134 -28.05 -9.50 15.65
N LEU A 135 -29.00 -8.58 15.45
CA LEU A 135 -28.86 -7.23 15.93
C LEU A 135 -28.38 -7.36 17.37
N ASN A 136 -29.12 -8.17 18.14
CA ASN A 136 -28.80 -8.39 19.55
C ASN A 136 -27.56 -9.28 19.77
N GLN A 137 -26.49 -9.02 19.03
CA GLN A 137 -25.27 -9.81 19.17
C GLN A 137 -24.00 -9.01 19.46
N LEU A 138 -23.41 -8.38 18.43
CA LEU A 138 -22.09 -7.70 18.56
C LEU A 138 -21.99 -6.73 19.74
N LEU A 139 -23.12 -6.51 20.39
CA LEU A 139 -23.23 -5.58 21.51
C LEU A 139 -22.55 -6.12 22.76
N ALA A 140 -21.93 -7.28 22.63
CA ALA A 140 -21.28 -7.91 23.75
C ALA A 140 -19.82 -7.77 23.48
N GLU A 141 -19.46 -8.30 22.32
CA GLU A 141 -18.10 -8.32 21.83
C GLU A 141 -17.54 -6.91 21.76
N MET A 142 -18.34 -5.97 21.22
CA MET A 142 -17.91 -4.58 21.10
C MET A 142 -17.68 -3.97 22.47
N ASP A 143 -17.84 -4.80 23.50
CA ASP A 143 -17.66 -4.38 24.86
C ASP A 143 -16.74 -5.37 25.52
N GLY A 144 -17.29 -6.52 25.87
CA GLY A 144 -16.54 -7.57 26.54
C GLY A 144 -16.64 -8.90 25.82
N PHE A 145 -15.58 -9.68 25.96
CA PHE A 145 -15.51 -11.05 25.42
C PHE A 145 -14.40 -11.81 26.16
N GLY A 146 -13.70 -12.66 25.42
CA GLY A 146 -12.53 -13.36 25.97
C GLY A 146 -11.55 -12.38 26.56
N SER A 147 -11.65 -11.12 26.11
CA SER A 147 -10.87 -10.03 26.67
C SER A 147 -11.49 -8.69 26.25
N GLU A 148 -10.65 -7.67 26.22
CA GLU A 148 -10.99 -6.31 25.79
C GLU A 148 -9.69 -5.49 25.75
N ASN A 149 -8.56 -6.21 25.74
CA ASN A 149 -7.19 -5.65 25.76
C ASN A 149 -6.52 -5.56 24.35
N ALA A 150 -7.05 -6.35 23.38
CA ALA A 150 -6.48 -6.42 22.01
C ALA A 150 -6.79 -5.15 21.17
N PRO A 151 -5.83 -4.71 20.32
CA PRO A 151 -5.98 -3.38 19.70
C PRO A 151 -6.97 -3.26 18.53
N VAL A 152 -7.87 -4.24 18.35
CA VAL A 152 -8.78 -4.29 17.19
C VAL A 152 -9.97 -3.31 17.20
N ILE A 153 -10.49 -3.05 16.00
CA ILE A 153 -11.46 -1.98 15.74
C ILE A 153 -12.49 -2.27 14.64
N VAL A 154 -13.76 -2.16 15.01
CA VAL A 154 -14.89 -2.32 14.09
C VAL A 154 -15.20 -1.05 13.31
N LEU A 155 -15.83 -1.20 12.16
CA LEU A 155 -16.25 -0.09 11.33
C LEU A 155 -17.43 -0.60 10.55
N ALA A 156 -18.46 0.22 10.40
CA ALA A 156 -19.62 -0.20 9.64
C ALA A 156 -20.31 0.98 9.02
N ALA A 157 -20.61 0.86 7.74
CA ALA A 157 -21.20 1.96 6.99
C ALA A 157 -22.68 2.07 7.27
N THR A 158 -23.20 3.27 7.02
CA THR A 158 -24.63 3.50 7.09
C THR A 158 -25.02 4.60 6.11
N ASN A 159 -26.30 4.82 5.96
CA ASN A 159 -26.77 5.89 5.13
C ASN A 159 -28.03 6.50 5.74
N ARG A 160 -28.94 5.62 6.16
CA ARG A 160 -30.11 6.00 6.93
C ARG A 160 -29.88 5.58 8.39
N PRO A 161 -29.07 6.35 9.14
CA PRO A 161 -28.71 6.02 10.53
C PRO A 161 -29.92 5.85 11.47
N GLU A 162 -31.02 6.50 11.10
CA GLU A 162 -32.25 6.46 11.87
C GLU A 162 -32.79 5.04 12.06
N ILE A 163 -33.07 4.34 10.95
CA ILE A 163 -33.81 3.05 10.97
C ILE A 163 -33.09 1.91 11.69
N LEU A 164 -32.34 2.30 12.72
CA LEU A 164 -31.47 1.42 13.49
C LEU A 164 -31.70 1.55 14.99
N ASP A 165 -31.46 0.45 15.70
CA ASP A 165 -31.48 0.42 17.16
C ASP A 165 -30.60 1.53 17.74
N PRO A 166 -31.05 2.14 18.84
CA PRO A 166 -30.28 3.22 19.42
C PRO A 166 -29.20 2.72 20.36
N ALA A 167 -29.32 1.47 20.81
CA ALA A 167 -28.38 0.85 21.74
C ALA A 167 -27.00 0.66 21.12
N LEU A 168 -26.91 0.83 19.80
CA LEU A 168 -25.64 0.80 19.09
C LEU A 168 -24.69 1.87 19.62
N MET A 169 -25.25 3.04 19.90
CA MET A 169 -24.46 4.20 20.31
C MET A 169 -24.16 4.27 21.81
N ARG A 170 -24.45 3.19 22.54
CA ARG A 170 -24.19 3.18 23.99
C ARG A 170 -22.69 3.08 24.18
N PRO A 171 -22.10 4.02 24.92
CA PRO A 171 -20.67 4.07 25.21
C PRO A 171 -20.07 2.69 25.35
N GLY A 172 -18.94 2.48 24.68
CA GLY A 172 -18.27 1.18 24.66
C GLY A 172 -18.78 0.33 23.52
N ARG A 173 -19.44 0.98 22.57
CA ARG A 173 -19.94 0.36 21.35
C ARG A 173 -19.71 1.41 20.26
N PHE A 174 -20.65 1.58 19.34
CA PHE A 174 -20.54 2.58 18.27
C PHE A 174 -20.59 4.02 18.78
N ASP A 175 -19.49 4.45 19.40
CA ASP A 175 -19.38 5.73 20.09
C ASP A 175 -19.08 6.93 19.17
N ARG A 176 -18.74 6.68 17.91
CA ARG A 176 -18.33 7.76 17.02
C ARG A 176 -18.95 7.62 15.65
N GLN A 177 -19.07 8.72 14.91
CA GLN A 177 -19.56 8.62 13.54
C GLN A 177 -18.91 9.59 12.59
N VAL A 178 -18.26 9.00 11.58
CA VAL A 178 -17.59 9.75 10.53
C VAL A 178 -18.61 10.11 9.47
N LEU A 179 -18.54 11.36 9.02
CA LEU A 179 -19.56 11.90 8.14
C LEU A 179 -19.01 12.11 6.74
N VAL A 180 -19.02 11.02 5.95
CA VAL A 180 -18.67 11.10 4.54
C VAL A 180 -19.95 11.47 3.81
N ASP A 181 -19.82 12.28 2.76
CA ASP A 181 -20.99 12.83 2.08
C ASP A 181 -20.65 13.32 0.70
N LYS A 182 -21.68 13.79 0.01
CA LYS A 182 -21.54 14.40 -1.30
C LYS A 182 -20.49 15.51 -1.21
N PRO A 183 -19.63 15.62 -2.24
CA PRO A 183 -18.51 16.58 -2.23
C PRO A 183 -18.85 17.95 -2.82
N ASP A 184 -18.50 18.99 -2.05
CA ASP A 184 -18.75 20.38 -2.42
C ASP A 184 -18.40 20.71 -3.88
N PHE A 185 -19.13 21.67 -4.44
CA PHE A 185 -18.90 22.16 -5.80
C PHE A 185 -17.53 22.86 -5.94
N ASN A 186 -16.60 22.37 -5.13
CA ASN A 186 -15.23 22.83 -5.12
C ASN A 186 -14.32 21.64 -4.91
N GLY A 187 -14.89 20.52 -4.48
CA GLY A 187 -14.09 19.32 -4.19
C GLY A 187 -14.29 18.24 -5.21
N ARG A 188 -15.46 18.25 -5.84
CA ARG A 188 -15.75 17.37 -6.96
C ARG A 188 -14.74 17.68 -8.05
N VAL A 189 -14.33 18.94 -8.04
CA VAL A 189 -13.35 19.48 -8.96
C VAL A 189 -12.00 18.84 -8.75
N GLU A 190 -11.77 18.38 -7.52
CA GLU A 190 -10.57 17.63 -7.15
C GLU A 190 -10.70 16.18 -7.65
N ILE A 191 -11.93 15.69 -7.61
CA ILE A 191 -12.28 14.34 -8.03
C ILE A 191 -12.02 14.19 -9.51
N LEU A 192 -12.80 14.92 -10.31
CA LEU A 192 -12.63 14.97 -11.74
C LEU A 192 -11.12 14.96 -12.01
N LYS A 193 -10.39 15.78 -11.25
CA LYS A 193 -8.96 15.93 -11.36
C LYS A 193 -8.28 14.73 -10.72
N VAL A 194 -8.67 13.53 -11.12
CA VAL A 194 -8.10 12.31 -10.58
C VAL A 194 -8.33 11.30 -11.66
N HIS A 195 -9.55 11.39 -12.18
CA HIS A 195 -10.00 10.48 -13.15
C HIS A 195 -9.42 10.92 -14.46
N ILE A 196 -9.20 12.22 -14.58
CA ILE A 196 -8.52 12.81 -15.71
C ILE A 196 -7.16 12.20 -16.08
N LYS A 197 -6.42 11.67 -15.11
CA LYS A 197 -5.16 11.01 -15.45
C LYS A 197 -5.49 9.89 -16.39
N GLY A 198 -4.74 9.81 -17.48
CA GLY A 198 -5.09 8.90 -18.55
C GLY A 198 -5.75 9.76 -19.61
N VAL A 199 -7.06 9.78 -19.58
CA VAL A 199 -7.84 10.55 -20.55
C VAL A 199 -7.06 11.67 -21.22
N LYS A 200 -6.48 11.37 -22.37
CA LYS A 200 -5.89 12.40 -23.21
C LYS A 200 -6.97 13.46 -23.28
N LEU A 201 -6.58 14.73 -23.27
CA LEU A 201 -7.58 15.79 -23.25
C LEU A 201 -7.39 16.85 -24.29
N ALA A 202 -8.35 17.77 -24.33
CA ALA A 202 -8.40 18.81 -25.37
C ALA A 202 -7.36 19.92 -25.20
N ASN A 203 -7.77 21.16 -25.48
CA ASN A 203 -7.00 22.35 -25.15
C ASN A 203 -7.85 23.17 -24.20
N ASP A 204 -9.16 23.05 -24.36
CA ASP A 204 -10.13 23.89 -23.67
C ASP A 204 -11.06 23.09 -22.74
N VAL A 205 -10.55 21.94 -22.27
CA VAL A 205 -11.34 21.15 -21.32
C VAL A 205 -11.35 21.83 -19.96
N ASN A 206 -12.42 22.57 -19.68
CA ASN A 206 -12.54 23.26 -18.37
C ASN A 206 -13.28 22.51 -17.27
N LEU A 207 -12.51 21.71 -16.53
CA LEU A 207 -13.05 20.88 -15.49
C LEU A 207 -14.05 21.64 -14.65
N GLN A 208 -13.71 22.87 -14.27
CA GLN A 208 -14.58 23.68 -13.43
C GLN A 208 -16.01 23.76 -13.93
N GLU A 209 -16.17 23.87 -15.24
CA GLU A 209 -17.49 23.97 -15.82
C GLU A 209 -18.16 22.62 -15.78
N VAL A 210 -17.39 21.58 -16.12
CA VAL A 210 -17.89 20.23 -15.97
C VAL A 210 -17.81 19.83 -14.51
N ALA A 211 -17.45 20.80 -13.69
CA ALA A 211 -17.56 20.65 -12.26
C ALA A 211 -18.79 21.40 -11.78
N LYS A 212 -19.32 22.32 -12.60
CA LYS A 212 -20.40 23.24 -12.16
C LYS A 212 -21.73 22.54 -11.77
N LEU A 213 -22.86 22.92 -12.37
CA LEU A 213 -24.18 22.27 -12.04
C LEU A 213 -24.18 20.83 -12.60
N THR A 214 -22.94 20.35 -12.73
CA THR A 214 -22.55 18.97 -12.88
C THR A 214 -22.43 18.39 -11.45
N ALA A 215 -23.11 19.06 -10.51
CA ALA A 215 -23.13 18.74 -9.08
C ALA A 215 -24.39 17.96 -8.68
N GLY A 216 -24.46 17.59 -7.40
CA GLY A 216 -25.58 16.82 -6.86
C GLY A 216 -25.22 15.36 -6.68
N LEU A 217 -24.30 14.89 -7.53
CA LEU A 217 -23.95 13.47 -7.59
C LEU A 217 -22.77 13.19 -6.69
N ALA A 218 -22.47 11.91 -6.48
CA ALA A 218 -21.37 11.50 -5.63
C ALA A 218 -20.04 11.45 -6.38
N GLY A 219 -19.00 10.91 -5.74
CA GLY A 219 -17.65 10.87 -6.31
C GLY A 219 -17.32 9.69 -7.23
N ALA A 220 -18.29 8.78 -7.37
CA ALA A 220 -18.18 7.56 -8.19
C ALA A 220 -19.08 7.78 -9.37
N ASP A 221 -19.78 8.89 -9.31
CA ASP A 221 -20.69 9.29 -10.33
C ASP A 221 -19.84 10.18 -11.18
N LEU A 222 -19.16 11.11 -10.55
CA LEU A 222 -18.28 11.97 -11.30
C LEU A 222 -17.27 11.06 -11.96
N ALA A 223 -16.68 10.18 -11.16
CA ALA A 223 -15.66 9.26 -11.68
C ALA A 223 -16.13 8.76 -13.03
N ASN A 224 -17.38 8.30 -13.05
CA ASN A 224 -18.05 7.77 -14.23
C ASN A 224 -18.13 8.84 -15.34
N ILE A 225 -18.71 10.01 -15.05
CA ILE A 225 -18.86 11.09 -16.04
C ILE A 225 -17.68 11.08 -16.97
N ILE A 226 -16.49 11.26 -16.39
CA ILE A 226 -15.25 11.28 -17.16
C ILE A 226 -15.11 10.12 -18.16
N ASN A 227 -14.77 8.92 -17.69
CA ASN A 227 -14.55 7.82 -18.62
C ASN A 227 -15.64 7.75 -19.68
N GLU A 228 -16.88 8.05 -19.27
CA GLU A 228 -18.01 8.07 -20.21
C GLU A 228 -17.68 9.00 -21.33
N ALA A 229 -17.66 10.30 -21.01
CA ALA A 229 -17.30 11.34 -21.96
C ALA A 229 -16.16 10.88 -22.86
N ALA A 230 -15.21 10.14 -22.28
CA ALA A 230 -14.16 9.51 -23.07
C ALA A 230 -14.75 8.54 -24.09
N LEU A 231 -15.56 7.61 -23.62
CA LEU A 231 -16.19 6.67 -24.51
C LEU A 231 -16.88 7.31 -25.71
N LEU A 232 -17.21 8.58 -25.65
CA LEU A 232 -17.76 9.19 -26.83
C LEU A 232 -16.57 9.68 -27.60
N ALA A 233 -15.89 8.70 -28.18
CA ALA A 233 -14.73 8.87 -29.04
C ALA A 233 -14.63 7.58 -29.84
N GLY A 234 -15.66 6.73 -29.69
CA GLY A 234 -15.76 5.45 -30.34
C GLY A 234 -16.55 5.64 -31.60
N ARG A 235 -17.81 6.04 -31.45
CA ARG A 235 -18.67 6.33 -32.60
C ARG A 235 -18.10 7.50 -33.40
N ASN A 236 -17.13 8.17 -32.79
CA ASN A 236 -16.55 9.37 -33.36
C ASN A 236 -15.06 9.21 -33.24
N ASN A 237 -14.41 8.76 -34.29
CA ASN A 237 -13.02 8.35 -34.21
C ASN A 237 -12.06 9.54 -34.00
N GLN A 238 -12.11 10.11 -32.78
CA GLN A 238 -11.44 11.38 -32.39
C GLN A 238 -10.26 11.21 -31.47
N LYS A 239 -9.66 12.33 -31.05
CA LYS A 239 -8.51 12.25 -30.17
C LYS A 239 -8.63 13.10 -28.90
N GLU A 240 -8.30 14.39 -28.95
CA GLU A 240 -8.42 15.28 -27.79
C GLU A 240 -9.85 15.19 -27.20
N VAL A 241 -9.97 14.83 -25.91
CA VAL A 241 -11.29 14.79 -25.27
C VAL A 241 -11.72 16.19 -24.90
N ARG A 242 -12.79 16.64 -25.56
CA ARG A 242 -13.17 18.03 -25.49
C ARG A 242 -14.34 18.22 -24.56
N GLN A 243 -14.46 19.45 -24.06
CA GLN A 243 -15.45 19.80 -23.08
C GLN A 243 -16.80 19.24 -23.40
N GLN A 244 -17.28 19.53 -24.60
CA GLN A 244 -18.63 19.11 -25.00
C GLN A 244 -18.84 17.62 -24.81
N HIS A 245 -17.74 16.88 -24.72
CA HIS A 245 -17.79 15.46 -24.41
C HIS A 245 -18.38 15.31 -23.03
N LEU A 246 -17.72 15.94 -22.06
CA LEU A 246 -18.21 16.01 -20.69
C LEU A 246 -19.60 16.64 -20.66
N LYS A 247 -19.89 17.48 -21.65
CA LYS A 247 -21.16 18.18 -21.73
C LYS A 247 -22.28 17.17 -21.84
N GLU A 248 -22.04 16.16 -22.67
CA GLU A 248 -23.00 15.11 -22.88
C GLU A 248 -23.07 14.27 -21.62
N ALA A 249 -22.75 14.87 -20.48
CA ALA A 249 -22.75 14.23 -19.15
C ALA A 249 -24.03 13.46 -18.84
N VAL A 250 -24.68 12.94 -19.90
CA VAL A 250 -26.06 12.46 -19.80
C VAL A 250 -26.65 13.52 -18.90
N GLU A 251 -26.51 14.79 -19.36
CA GLU A 251 -26.58 15.95 -18.46
C GLU A 251 -26.41 15.52 -17.00
N ARG A 252 -27.52 15.07 -16.40
CA ARG A 252 -27.55 14.64 -15.01
C ARG A 252 -28.68 13.62 -14.87
N GLY A 253 -28.41 12.36 -15.27
CA GLY A 253 -29.45 11.32 -15.29
C GLY A 253 -30.34 11.25 -14.04
N ILE A 254 -31.65 11.47 -14.22
CA ILE A 254 -32.65 11.47 -13.12
C ILE A 254 -33.61 10.28 -13.16
N ALA A 255 -33.62 9.58 -14.29
CA ALA A 255 -34.57 8.49 -14.53
C ALA A 255 -34.63 7.46 -13.40
N GLY A 256 -33.52 7.34 -12.66
CA GLY A 256 -33.41 6.39 -11.55
C GLY A 256 -34.59 6.31 -10.61
N LEU A 257 -34.53 5.33 -9.71
CA LEU A 257 -35.58 5.00 -8.72
C LEU A 257 -36.75 4.18 -9.30
N GLU A 258 -36.63 3.77 -10.58
CA GLU A 258 -37.74 3.11 -11.28
C GLU A 258 -37.49 1.63 -11.62
N LYS A 259 -37.82 0.75 -10.66
CA LYS A 259 -37.76 -0.68 -10.87
C LYS A 259 -38.97 -1.38 -10.27
N ILE B 1 6.48 -19.10 -6.33
CA ILE B 1 5.28 -19.43 -5.48
C ILE B 1 4.86 -18.22 -4.66
N ASN B 2 5.81 -17.32 -4.44
CA ASN B 2 5.59 -16.16 -3.58
C ASN B 2 4.64 -15.16 -4.22
N ALA B 3 3.39 -15.57 -4.41
CA ALA B 3 2.38 -14.80 -5.16
C ALA B 3 1.80 -13.67 -4.31
N GLU B 4 2.66 -12.76 -3.90
CA GLU B 4 2.33 -11.69 -2.99
C GLU B 4 1.43 -10.67 -3.70
N LYS B 5 0.91 -9.70 -2.97
CA LYS B 5 0.31 -8.57 -3.64
C LYS B 5 0.56 -7.31 -2.82
N PRO B 6 1.83 -6.88 -2.78
CA PRO B 6 2.46 -5.85 -1.96
C PRO B 6 1.55 -4.70 -1.60
N ASN B 7 1.49 -4.43 -0.30
CA ASN B 7 0.79 -3.29 0.20
C ASN B 7 1.77 -2.16 0.52
N VAL B 8 2.66 -1.88 -0.44
CA VAL B 8 3.69 -0.88 -0.24
C VAL B 8 3.56 0.28 -1.22
N ARG B 9 4.36 1.32 -1.08
CA ARG B 9 4.18 2.48 -1.90
C ARG B 9 5.41 3.33 -2.07
N PHE B 10 5.55 3.81 -3.29
CA PHE B 10 6.64 4.66 -3.71
C PHE B 10 6.72 5.79 -2.72
N LYS B 11 5.85 5.76 -1.70
CA LYS B 11 5.74 6.87 -0.76
C LYS B 11 5.75 6.61 0.77
N ASP B 12 5.80 5.35 1.21
CA ASP B 12 5.91 5.11 2.66
C ASP B 12 7.28 4.49 2.92
N MET B 13 8.31 5.25 2.57
CA MET B 13 9.66 4.73 2.41
C MET B 13 10.75 5.57 3.08
N ALA B 14 11.71 4.87 3.70
CA ALA B 14 12.80 5.52 4.41
C ALA B 14 13.72 6.26 3.44
N GLY B 15 13.38 7.53 3.17
CA GLY B 15 14.21 8.37 2.28
C GLY B 15 14.45 7.91 0.84
N ASN B 16 15.47 8.51 0.22
CA ASN B 16 15.80 8.37 -1.21
C ASN B 16 14.64 8.45 -2.21
N GLU B 17 14.65 9.47 -3.05
CA GLU B 17 13.57 9.72 -4.01
C GLU B 17 14.05 9.92 -5.44
N GLU B 18 15.30 9.58 -5.69
CA GLU B 18 15.89 9.62 -7.03
C GLU B 18 15.97 8.22 -7.61
N ALA B 19 16.22 7.23 -6.75
CA ALA B 19 15.95 5.82 -7.10
C ALA B 19 14.49 5.69 -7.45
N LYS B 20 13.64 6.04 -6.50
CA LYS B 20 12.23 6.13 -6.75
C LYS B 20 11.96 6.86 -8.08
N GLU B 21 12.37 8.14 -8.12
CA GLU B 21 12.15 9.01 -9.29
C GLU B 21 12.54 8.32 -10.59
N GLU B 22 13.52 7.44 -10.49
CA GLU B 22 13.90 6.64 -11.63
C GLU B 22 12.91 5.48 -11.77
N VAL B 23 13.04 4.51 -10.87
CA VAL B 23 12.29 3.26 -10.85
C VAL B 23 10.81 3.37 -11.17
N VAL B 24 10.24 4.56 -10.96
CA VAL B 24 8.80 4.80 -11.24
C VAL B 24 8.34 4.53 -12.69
N GLU B 25 9.18 4.95 -13.63
CA GLU B 25 8.88 4.75 -15.03
C GLU B 25 8.34 3.34 -15.24
N ILE B 26 8.86 2.38 -14.46
CA ILE B 26 8.38 0.99 -14.50
C ILE B 26 6.87 0.91 -14.25
N VAL B 27 6.43 1.62 -13.23
CA VAL B 27 5.04 1.64 -12.90
C VAL B 27 4.24 1.83 -14.15
N ASP B 28 4.42 2.99 -14.79
CA ASP B 28 3.53 3.33 -15.89
C ASP B 28 3.63 2.28 -16.97
N PHE B 29 4.78 1.62 -17.07
CA PHE B 29 4.85 0.56 -18.06
C PHE B 29 3.76 -0.35 -17.64
N LEU B 30 3.77 -0.68 -16.35
CA LEU B 30 2.85 -1.68 -15.77
C LEU B 30 1.32 -1.46 -15.85
N LYS B 31 0.83 -0.23 -15.69
CA LYS B 31 -0.63 -0.05 -15.72
C LYS B 31 -1.22 0.43 -17.04
N TYR B 32 -0.41 1.13 -17.83
CA TYR B 32 -0.83 1.56 -19.14
C TYR B 32 0.07 0.95 -20.21
N PRO B 33 0.13 -0.39 -20.28
CA PRO B 33 0.96 -0.95 -21.33
C PRO B 33 0.13 -0.93 -22.60
N GLU B 34 0.57 -1.66 -23.63
CA GLU B 34 -0.16 -1.69 -24.91
C GLU B 34 -0.90 -0.35 -25.00
N ARG B 35 -0.15 0.66 -24.56
CA ARG B 35 -0.38 2.06 -24.72
C ARG B 35 1.03 2.38 -25.08
N TYR B 36 1.86 1.35 -24.90
CA TYR B 36 3.26 1.35 -25.31
C TYR B 36 3.36 0.29 -26.38
N ALA B 37 3.03 -0.94 -26.02
CA ALA B 37 3.27 -2.10 -26.89
C ALA B 37 2.65 -1.94 -28.28
N ASN B 38 1.52 -1.25 -28.36
CA ASN B 38 0.89 -0.89 -29.64
C ASN B 38 1.81 -0.06 -30.56
N LEU B 39 2.93 0.43 -30.01
CA LEU B 39 4.02 1.03 -30.79
C LEU B 39 5.33 0.22 -30.62
N GLY B 40 5.18 -1.10 -30.52
CA GLY B 40 6.31 -2.02 -30.34
C GLY B 40 7.50 -1.36 -29.69
N ALA B 41 7.38 -1.06 -28.40
CA ALA B 41 8.34 -0.19 -27.71
C ALA B 41 9.03 -0.75 -26.44
N LYS B 42 8.24 -1.22 -25.46
CA LYS B 42 8.81 -1.58 -24.13
C LYS B 42 10.05 -2.48 -24.19
N ILE B 43 11.14 -2.00 -23.57
CA ILE B 43 12.36 -2.81 -23.41
C ILE B 43 12.77 -3.08 -21.96
N PRO B 44 12.04 -2.55 -20.97
CA PRO B 44 12.55 -2.86 -19.68
C PRO B 44 12.01 -4.27 -19.52
N LYS B 45 12.93 -5.20 -19.44
CA LYS B 45 12.61 -6.61 -19.22
C LYS B 45 13.48 -6.99 -18.04
N GLY B 46 14.65 -6.35 -17.98
CA GLY B 46 15.49 -6.44 -16.82
C GLY B 46 15.91 -5.08 -16.32
N VAL B 47 15.41 -4.73 -15.12
CA VAL B 47 15.98 -3.67 -14.30
C VAL B 47 16.66 -4.27 -13.08
N LEU B 48 17.80 -3.70 -12.71
CA LEU B 48 18.61 -4.33 -11.71
C LEU B 48 18.82 -3.37 -10.57
N LEU B 49 18.03 -3.54 -9.52
CA LEU B 49 18.18 -2.73 -8.32
C LEU B 49 19.55 -3.02 -7.80
N VAL B 50 20.35 -1.97 -7.67
CA VAL B 50 21.73 -2.21 -7.34
C VAL B 50 22.18 -1.44 -6.08
N GLY B 51 22.67 -2.22 -5.09
CA GLY B 51 23.08 -1.68 -3.77
C GLY B 51 23.63 -2.64 -2.69
N PRO B 52 24.28 -2.07 -1.64
CA PRO B 52 24.96 -2.81 -0.58
C PRO B 52 23.96 -3.44 0.36
N PRO B 53 24.37 -4.47 1.10
CA PRO B 53 23.40 -5.11 1.98
C PRO B 53 22.57 -4.06 2.72
N GLY B 54 21.24 -4.27 2.72
CA GLY B 54 20.29 -3.31 3.30
C GLY B 54 19.35 -2.61 2.31
N THR B 55 19.45 -1.27 2.30
CA THR B 55 18.73 -0.32 1.42
C THR B 55 17.23 -0.56 1.25
N GLY B 56 16.76 -1.79 1.48
CA GLY B 56 15.35 -2.18 1.36
C GLY B 56 14.86 -2.14 -0.07
N LYS B 57 15.78 -2.28 -1.02
CA LYS B 57 15.48 -2.43 -2.44
C LYS B 57 14.31 -3.34 -2.52
N THR B 58 14.63 -4.58 -2.21
CA THR B 58 13.69 -5.63 -2.01
C THR B 58 12.29 -5.12 -1.62
N LEU B 59 12.19 -4.22 -0.65
CA LEU B 59 10.90 -3.60 -0.41
C LEU B 59 10.51 -2.84 -1.66
N LEU B 60 11.22 -1.74 -1.93
CA LEU B 60 11.04 -0.89 -3.13
C LEU B 60 10.46 -1.61 -4.33
N ALA B 61 11.00 -2.78 -4.65
CA ALA B 61 10.42 -3.64 -5.65
C ALA B 61 8.90 -3.73 -5.43
N LYS B 62 8.49 -4.31 -4.30
CA LYS B 62 7.10 -4.39 -3.91
C LYS B 62 6.38 -3.08 -4.03
N ALA B 63 7.06 -1.98 -3.77
CA ALA B 63 6.42 -0.71 -3.94
C ALA B 63 6.01 -0.49 -5.41
N VAL B 64 6.86 -0.92 -6.34
CA VAL B 64 6.55 -0.80 -7.75
C VAL B 64 5.33 -1.66 -8.03
N ALA B 65 5.43 -2.96 -7.68
CA ALA B 65 4.26 -3.83 -7.83
C ALA B 65 3.08 -3.21 -7.10
N GLY B 66 3.37 -2.42 -6.05
CA GLY B 66 2.35 -1.70 -5.31
C GLY B 66 1.70 -0.62 -6.15
N GLU B 67 2.36 0.52 -6.32
CA GLU B 67 1.77 1.60 -7.11
C GLU B 67 1.06 1.10 -8.38
N ALA B 68 1.67 0.10 -9.02
CA ALA B 68 1.15 -0.44 -10.26
C ALA B 68 -0.14 -1.22 -10.05
N HIS B 69 -0.16 -2.01 -8.96
CA HIS B 69 -1.28 -2.88 -8.61
C HIS B 69 -1.14 -4.12 -9.44
N VAL B 70 -0.19 -4.96 -9.09
CA VAL B 70 0.11 -6.15 -9.87
C VAL B 70 0.86 -7.16 -9.01
N PRO B 71 0.78 -8.45 -9.34
CA PRO B 71 1.24 -9.44 -8.39
C PRO B 71 2.71 -9.31 -8.25
N PHE B 72 3.18 -9.44 -7.03
CA PHE B 72 4.58 -9.47 -6.75
C PHE B 72 4.97 -10.93 -6.69
N PHE B 73 6.27 -11.23 -6.81
CA PHE B 73 6.73 -12.61 -6.68
C PHE B 73 7.98 -12.76 -5.87
N SER B 74 8.77 -13.78 -6.13
CA SER B 74 10.02 -13.93 -5.40
C SER B 74 10.64 -15.26 -5.72
N MET B 75 11.95 -15.31 -5.53
CA MET B 75 12.74 -16.49 -5.82
C MET B 75 14.09 -16.32 -5.16
N GLY B 76 14.10 -16.39 -3.81
CA GLY B 76 15.35 -16.29 -3.05
C GLY B 76 16.47 -17.20 -3.56
N GLY B 77 17.70 -16.69 -3.52
CA GLY B 77 18.89 -17.43 -3.95
C GLY B 77 19.25 -18.60 -3.05
N SER B 78 18.37 -18.93 -2.11
CA SER B 78 18.44 -20.15 -1.30
C SER B 78 18.36 -21.33 -2.27
N SER B 79 17.33 -21.24 -3.12
CA SER B 79 17.26 -22.02 -4.33
C SER B 79 18.43 -21.62 -5.24
N PHE B 80 18.85 -22.59 -6.10
CA PHE B 80 20.13 -22.53 -6.79
C PHE B 80 21.30 -22.93 -5.88
N ILE B 81 21.11 -22.92 -4.54
CA ILE B 81 22.11 -23.51 -3.64
C ILE B 81 21.35 -24.24 -2.55
N GLU B 82 20.54 -25.21 -2.96
CA GLU B 82 19.79 -26.04 -2.03
C GLU B 82 19.38 -27.30 -2.78
N MET B 83 19.81 -27.37 -4.04
CA MET B 83 19.46 -28.44 -4.96
C MET B 83 20.66 -28.87 -5.81
N PHE B 84 21.19 -30.06 -5.52
CA PHE B 84 22.40 -30.58 -6.19
C PHE B 84 22.10 -31.03 -7.62
N VAL B 85 20.83 -31.34 -7.89
CA VAL B 85 20.40 -31.64 -9.24
C VAL B 85 19.73 -30.43 -9.86
N GLY B 86 20.10 -30.14 -11.11
CA GLY B 86 19.63 -28.98 -11.86
C GLY B 86 18.13 -28.94 -12.03
N LEU B 87 17.45 -28.58 -10.91
CA LEU B 87 16.00 -28.33 -10.93
C LEU B 87 15.80 -26.82 -11.00
N GLY B 88 16.90 -26.08 -10.91
CA GLY B 88 16.90 -24.62 -10.98
C GLY B 88 16.16 -24.13 -12.21
N ALA B 89 16.55 -24.66 -13.37
CA ALA B 89 15.88 -24.39 -14.62
C ALA B 89 14.37 -24.29 -14.42
N SER B 90 13.80 -25.33 -13.82
CA SER B 90 12.36 -25.41 -13.59
C SER B 90 11.84 -24.40 -12.56
N ARG B 91 12.64 -24.13 -11.52
CA ARG B 91 12.19 -23.27 -10.42
C ARG B 91 11.82 -21.87 -10.90
N VAL B 92 12.48 -21.44 -11.98
CA VAL B 92 12.13 -20.19 -12.65
C VAL B 92 11.15 -20.41 -13.79
N ARG B 93 11.30 -21.55 -14.48
CA ARG B 93 10.39 -21.91 -15.56
C ARG B 93 8.93 -21.78 -15.10
N ASP B 94 8.67 -22.09 -13.84
CA ASP B 94 7.35 -21.86 -13.28
C ASP B 94 7.12 -20.40 -12.89
N LEU B 95 8.06 -19.81 -12.15
CA LEU B 95 7.90 -18.44 -11.65
C LEU B 95 7.61 -17.43 -12.75
N PHE B 96 8.09 -17.72 -13.96
CA PHE B 96 7.84 -16.86 -15.11
C PHE B 96 6.48 -17.14 -15.73
N GLU B 97 5.99 -18.38 -15.61
CA GLU B 97 4.76 -18.78 -16.29
C GLU B 97 3.54 -18.09 -15.70
N THR B 98 3.43 -18.10 -14.36
CA THR B 98 2.25 -17.56 -13.68
C THR B 98 2.15 -16.05 -13.79
N ALA B 99 3.31 -15.40 -13.73
CA ALA B 99 3.38 -13.95 -13.80
C ALA B 99 2.92 -13.51 -15.18
N LYS B 100 3.30 -14.31 -16.17
CA LYS B 100 2.88 -14.16 -17.56
C LYS B 100 1.37 -14.42 -17.64
N LYS B 101 0.89 -15.33 -16.78
CA LYS B 101 -0.52 -15.67 -16.71
C LYS B 101 -1.38 -14.59 -16.05
N GLN B 102 -0.73 -13.61 -15.42
CA GLN B 102 -1.47 -12.59 -14.67
C GLN B 102 -0.92 -11.19 -14.96
N ALA B 103 0.01 -11.13 -15.92
CA ALA B 103 0.73 -9.91 -16.29
C ALA B 103 -0.19 -8.72 -16.66
N PRO B 104 0.30 -7.47 -16.52
CA PRO B 104 1.60 -7.11 -16.02
C PRO B 104 1.73 -7.53 -14.56
N SER B 105 2.98 -7.73 -14.14
CA SER B 105 3.32 -8.26 -12.82
C SER B 105 4.84 -8.16 -12.65
N ILE B 106 5.32 -8.02 -11.43
CA ILE B 106 6.75 -8.01 -11.23
C ILE B 106 7.15 -9.41 -10.93
N ILE B 107 8.41 -9.71 -11.16
CA ILE B 107 8.99 -10.96 -10.75
C ILE B 107 10.23 -10.54 -10.00
N PHE B 108 10.11 -10.20 -8.71
CA PHE B 108 11.33 -9.76 -7.99
C PHE B 108 12.19 -10.94 -7.69
N ILE B 109 13.49 -10.71 -7.62
CA ILE B 109 14.45 -11.73 -7.27
C ILE B 109 15.56 -11.16 -6.39
N ASP B 110 15.82 -11.82 -5.25
CA ASP B 110 17.04 -11.56 -4.47
C ASP B 110 18.21 -12.48 -4.86
N GLU B 111 19.43 -11.97 -4.63
CA GLU B 111 20.68 -12.69 -4.91
C GLU B 111 20.69 -13.41 -6.27
N ILE B 112 20.50 -12.61 -7.32
CA ILE B 112 20.81 -13.02 -8.69
C ILE B 112 22.32 -13.16 -8.74
N ASP B 113 22.95 -12.71 -7.65
CA ASP B 113 24.38 -12.89 -7.42
C ASP B 113 24.73 -14.37 -7.58
N ALA B 114 23.87 -15.22 -6.99
CA ALA B 114 24.05 -16.67 -6.99
C ALA B 114 23.98 -17.26 -8.39
N ILE B 115 23.38 -16.54 -9.32
CA ILE B 115 23.22 -17.02 -10.69
C ILE B 115 24.20 -16.27 -11.63
N GLY B 116 24.88 -15.30 -11.07
CA GLY B 116 26.08 -14.73 -11.68
C GLY B 116 27.31 -15.35 -11.04
N LYS B 117 27.08 -16.23 -10.07
CA LYS B 117 28.15 -17.03 -9.45
C LYS B 117 28.16 -18.46 -10.01
N ASN B 128 29.16 -33.26 -16.76
CA ASN B 128 28.46 -32.35 -17.67
C ASN B 128 28.21 -30.97 -17.04
N ASP B 129 27.36 -30.17 -17.73
CA ASP B 129 27.13 -28.75 -17.35
C ASP B 129 26.67 -28.53 -15.90
N GLU B 130 27.67 -28.17 -15.04
CA GLU B 130 27.41 -27.92 -13.61
C GLU B 130 27.54 -26.42 -13.32
N ARG B 131 27.05 -26.01 -12.14
CA ARG B 131 27.28 -24.65 -11.62
C ARG B 131 26.24 -23.60 -12.08
N GLU B 132 25.56 -23.90 -13.19
CA GLU B 132 24.63 -22.95 -13.81
C GLU B 132 23.47 -23.64 -14.54
N GLN B 133 22.43 -24.01 -13.80
CA GLN B 133 21.24 -24.67 -14.38
C GLN B 133 20.01 -23.74 -14.40
N THR B 134 20.02 -22.73 -13.52
CA THR B 134 19.02 -21.65 -13.60
C THR B 134 19.49 -20.67 -14.65
N LEU B 135 20.75 -20.26 -14.55
CA LEU B 135 21.39 -19.64 -15.68
C LEU B 135 21.24 -20.72 -16.72
N ASN B 136 21.38 -20.35 -17.99
CA ASN B 136 21.12 -21.28 -19.07
C ASN B 136 19.62 -21.62 -19.04
N GLN B 137 18.82 -20.64 -18.60
CA GLN B 137 17.36 -20.77 -18.50
C GLN B 137 16.78 -19.38 -18.35
N LEU B 138 16.70 -18.93 -17.09
CA LEU B 138 16.25 -17.60 -16.72
C LEU B 138 16.42 -16.61 -17.85
N LEU B 139 17.55 -16.71 -18.53
CA LEU B 139 17.85 -15.91 -19.70
C LEU B 139 16.77 -16.00 -20.76
N ALA B 140 16.71 -17.15 -21.46
CA ALA B 140 15.78 -17.34 -22.57
C ALA B 140 14.32 -17.09 -22.18
N GLU B 141 13.98 -17.48 -20.96
CA GLU B 141 12.66 -17.23 -20.43
C GLU B 141 12.41 -15.73 -20.46
N MET B 142 13.48 -14.96 -20.25
CA MET B 142 13.40 -13.50 -20.24
C MET B 142 13.38 -12.91 -21.64
N ASP B 143 13.30 -13.75 -22.64
CA ASP B 143 13.29 -13.28 -24.02
C ASP B 143 11.86 -13.23 -24.56
N GLY B 144 10.93 -13.58 -23.66
CA GLY B 144 9.52 -13.69 -23.99
C GLY B 144 9.38 -14.92 -24.86
N PHE B 145 9.38 -16.09 -24.22
CA PHE B 145 9.37 -17.36 -24.95
C PHE B 145 8.24 -17.54 -25.97
N GLY B 146 7.03 -16.91 -25.57
CA GLY B 146 5.86 -16.89 -26.47
C GLY B 146 4.86 -15.77 -26.04
N SER B 147 4.00 -15.53 -27.11
CA SER B 147 2.95 -14.42 -26.96
C SER B 147 3.41 -12.94 -26.69
N GLU B 148 4.99 -12.85 -26.26
CA GLU B 148 5.40 -11.37 -26.23
C GLU B 148 4.36 -10.22 -26.04
N ASN B 149 3.20 -10.50 -25.42
CA ASN B 149 2.18 -9.46 -25.24
C ASN B 149 2.27 -8.82 -23.86
N ALA B 150 1.51 -9.44 -22.93
CA ALA B 150 1.38 -9.01 -21.52
C ALA B 150 2.75 -8.83 -20.88
N PRO B 151 2.94 -7.68 -20.23
CA PRO B 151 4.21 -7.22 -19.62
C PRO B 151 4.58 -7.86 -18.28
N VAL B 152 5.88 -8.13 -18.08
CA VAL B 152 6.35 -8.61 -16.78
C VAL B 152 7.73 -8.10 -16.40
N ILE B 153 7.91 -6.79 -16.21
CA ILE B 153 9.20 -6.32 -15.70
C ILE B 153 9.63 -7.26 -14.58
N VAL B 154 10.87 -7.71 -14.60
CA VAL B 154 11.37 -8.46 -13.45
C VAL B 154 12.34 -7.53 -12.75
N LEU B 155 12.45 -7.63 -11.43
CA LEU B 155 13.38 -6.78 -10.73
C LEU B 155 14.32 -7.66 -9.97
N ALA B 156 15.61 -7.48 -10.22
CA ALA B 156 16.62 -8.20 -9.46
C ALA B 156 17.34 -7.19 -8.61
N ALA B 157 18.14 -7.68 -7.67
CA ALA B 157 18.91 -6.81 -6.78
C ALA B 157 20.27 -7.42 -6.47
N THR B 158 21.27 -6.55 -6.30
CA THR B 158 22.63 -7.02 -6.07
C THR B 158 23.43 -6.00 -5.32
N ASN B 159 24.35 -6.50 -4.50
CA ASN B 159 25.39 -5.70 -3.85
C ASN B 159 26.63 -5.65 -4.72
N ARG B 160 26.81 -6.70 -5.53
CA ARG B 160 28.05 -6.93 -6.31
C ARG B 160 27.92 -6.97 -7.87
N PRO B 161 27.17 -6.03 -8.46
CA PRO B 161 26.93 -6.07 -9.90
C PRO B 161 28.24 -6.20 -10.65
N GLU B 162 29.22 -5.45 -10.17
CA GLU B 162 30.61 -5.52 -10.62
C GLU B 162 30.91 -6.86 -11.29
N ILE B 163 30.76 -7.93 -10.51
CA ILE B 163 31.22 -9.28 -10.91
C ILE B 163 30.14 -10.12 -11.61
N LEU B 164 29.30 -9.47 -12.40
CA LEU B 164 28.13 -10.13 -13.00
C LEU B 164 28.37 -10.66 -14.40
N ASP B 165 27.57 -11.68 -14.76
CA ASP B 165 27.66 -12.24 -16.10
C ASP B 165 26.94 -11.38 -17.11
N PRO B 166 27.71 -10.64 -17.92
CA PRO B 166 27.25 -9.56 -18.79
C PRO B 166 26.17 -9.97 -19.80
N ALA B 167 25.88 -11.27 -19.88
CA ALA B 167 24.79 -11.74 -20.74
C ALA B 167 23.47 -11.33 -20.10
N LEU B 168 23.51 -11.23 -18.77
CA LEU B 168 22.39 -10.76 -17.97
C LEU B 168 22.21 -9.28 -18.27
N MET B 169 23.34 -8.62 -18.54
CA MET B 169 23.36 -7.20 -18.79
C MET B 169 23.31 -6.96 -20.31
N ARG B 170 23.20 -8.07 -21.04
CA ARG B 170 23.08 -8.00 -22.48
C ARG B 170 21.70 -7.47 -22.79
N PRO B 171 21.63 -6.37 -23.56
CA PRO B 171 20.41 -5.71 -24.00
C PRO B 171 19.33 -6.70 -24.41
N GLY B 172 18.11 -6.45 -23.91
CA GLY B 172 17.00 -7.36 -24.11
C GLY B 172 16.62 -7.98 -22.79
N ARG B 173 17.55 -7.92 -21.82
CA ARG B 173 17.33 -8.39 -20.43
C ARG B 173 18.31 -7.71 -19.47
N PHE B 174 17.85 -7.36 -18.26
CA PHE B 174 18.74 -6.68 -17.29
C PHE B 174 19.60 -5.60 -17.90
N ASP B 175 18.88 -4.57 -18.32
CA ASP B 175 19.38 -3.45 -19.09
C ASP B 175 19.60 -2.21 -18.22
N ARG B 176 18.53 -1.64 -17.63
CA ARG B 176 18.69 -0.43 -16.81
C ARG B 176 19.23 -0.89 -15.47
N GLN B 177 20.03 -0.07 -14.79
CA GLN B 177 20.55 -0.51 -13.48
C GLN B 177 20.47 0.53 -12.34
N VAL B 178 19.26 0.72 -11.84
CA VAL B 178 18.96 1.63 -10.75
C VAL B 178 19.86 1.40 -9.58
N LEU B 179 20.47 2.50 -9.12
CA LEU B 179 21.36 2.50 -7.98
C LEU B 179 20.63 2.95 -6.73
N VAL B 180 20.92 2.29 -5.62
CA VAL B 180 20.44 2.73 -4.30
C VAL B 180 21.53 2.60 -3.22
N ASP B 181 22.02 3.72 -2.69
CA ASP B 181 23.09 3.61 -1.72
C ASP B 181 22.72 4.35 -0.45
N LYS B 182 21.56 3.97 0.08
CA LYS B 182 20.98 4.65 1.22
C LYS B 182 20.50 3.60 2.25
N PRO B 183 20.25 4.02 3.50
CA PRO B 183 19.70 3.11 4.51
C PRO B 183 18.16 3.18 4.55
N ASP B 184 17.55 2.71 5.65
CA ASP B 184 16.12 2.40 5.56
C ASP B 184 15.35 2.33 6.88
N PHE B 185 15.42 3.40 7.68
CA PHE B 185 14.69 3.48 8.97
C PHE B 185 14.86 2.26 9.87
N ASN B 186 15.69 1.32 9.42
CA ASN B 186 15.81 0.01 10.04
C ASN B 186 17.18 -0.59 9.82
N GLY B 187 17.76 -0.34 8.64
CA GLY B 187 19.10 -0.81 8.32
C GLY B 187 20.12 -0.12 9.20
N ARG B 188 19.85 1.16 9.48
CA ARG B 188 20.74 2.02 10.27
C ARG B 188 20.89 1.53 11.71
N VAL B 189 19.76 1.28 12.35
CA VAL B 189 19.73 0.87 13.74
C VAL B 189 20.33 -0.55 13.89
N GLU B 190 21.28 -0.82 12.99
CA GLU B 190 22.02 -2.07 12.87
C GLU B 190 23.39 -1.66 12.41
N ILE B 191 23.41 -0.47 11.80
CA ILE B 191 24.65 0.15 11.38
C ILE B 191 25.16 0.97 12.56
N LEU B 192 24.36 1.96 12.98
CA LEU B 192 24.81 2.86 14.02
C LEU B 192 24.74 2.16 15.38
N LYS B 193 24.09 0.99 15.33
CA LYS B 193 24.27 -0.06 16.32
C LYS B 193 25.76 -0.12 16.70
N VAL B 194 26.59 -0.48 15.72
CA VAL B 194 27.99 -0.75 15.99
C VAL B 194 28.68 0.50 16.51
N HIS B 195 28.53 1.62 15.80
CA HIS B 195 29.23 2.85 16.19
C HIS B 195 29.01 3.30 17.62
N ILE B 196 28.18 2.57 18.35
CA ILE B 196 28.10 2.72 19.79
C ILE B 196 28.54 1.43 20.47
N LYS B 197 29.75 0.97 20.12
CA LYS B 197 30.42 -0.11 20.87
C LYS B 197 31.55 0.46 21.77
N GLY B 198 31.18 1.50 22.54
CA GLY B 198 32.19 2.18 23.33
C GLY B 198 31.80 3.52 23.93
N VAL B 199 30.57 4.00 23.69
CA VAL B 199 30.19 5.32 24.20
C VAL B 199 30.07 5.33 25.71
N LYS B 200 28.88 5.60 26.22
CA LYS B 200 28.62 5.35 27.61
C LYS B 200 27.34 4.57 27.75
N LEU B 201 26.64 4.38 26.64
CA LEU B 201 25.46 3.52 26.57
C LEU B 201 24.40 3.93 27.58
N ALA B 202 24.64 5.07 28.25
CA ALA B 202 23.90 5.39 29.47
C ALA B 202 22.43 5.70 29.21
N ASN B 203 22.28 6.83 28.49
CA ASN B 203 21.05 7.59 28.33
C ASN B 203 19.85 6.84 27.74
N ASP B 204 18.74 7.55 27.64
CA ASP B 204 17.56 7.09 26.92
C ASP B 204 17.87 6.99 25.42
N VAL B 205 18.78 6.07 25.10
CA VAL B 205 19.28 5.88 23.75
C VAL B 205 18.25 5.41 22.72
N ASN B 206 17.61 6.39 22.07
CA ASN B 206 16.53 6.14 21.14
C ASN B 206 16.86 6.74 19.79
N LEU B 207 17.69 6.00 19.04
CA LEU B 207 18.08 6.37 17.67
C LEU B 207 16.88 6.47 16.75
N GLN B 208 15.78 5.87 17.17
CA GLN B 208 14.54 5.88 16.43
C GLN B 208 14.19 7.31 16.00
N GLU B 209 14.67 8.30 16.75
CA GLU B 209 14.37 9.72 16.54
C GLU B 209 15.27 10.40 15.50
N VAL B 210 16.57 10.19 15.68
CA VAL B 210 17.57 10.58 14.69
C VAL B 210 17.31 9.81 13.41
N ALA B 211 17.25 8.49 13.54
CA ALA B 211 16.93 7.62 12.42
C ALA B 211 15.80 8.20 11.60
N LYS B 212 14.94 8.97 12.26
CA LYS B 212 13.83 9.61 11.59
C LYS B 212 14.29 10.88 10.85
N LEU B 213 15.21 11.62 11.47
CA LEU B 213 15.72 12.87 10.89
C LEU B 213 16.86 12.59 9.95
N THR B 214 17.77 11.72 10.38
CA THR B 214 18.84 11.23 9.52
C THR B 214 18.24 10.21 8.60
N ALA B 215 17.95 10.64 7.38
CA ALA B 215 17.35 9.77 6.36
C ALA B 215 17.98 10.12 5.01
N GLY B 216 18.90 9.27 4.56
CA GLY B 216 19.64 9.53 3.32
C GLY B 216 21.05 9.93 3.67
N LEU B 217 21.75 9.00 4.31
CA LEU B 217 23.11 9.20 4.78
C LEU B 217 23.82 7.84 4.82
N ALA B 218 25.11 7.84 4.45
CA ALA B 218 25.93 6.62 4.40
C ALA B 218 26.08 5.88 5.74
N GLY B 219 26.54 4.62 5.67
CA GLY B 219 26.85 3.82 6.86
C GLY B 219 27.84 4.55 7.75
N ALA B 220 28.44 5.60 7.21
CA ALA B 220 29.40 6.42 7.94
C ALA B 220 28.82 7.79 8.34
N ASP B 221 28.06 8.41 7.44
CA ASP B 221 27.38 9.69 7.72
C ASP B 221 26.80 9.66 9.07
N LEU B 222 26.48 8.46 9.52
CA LEU B 222 25.93 8.28 10.83
C LEU B 222 27.03 7.97 11.86
N ALA B 223 28.04 7.22 11.43
CA ALA B 223 29.20 6.95 12.29
C ALA B 223 29.56 8.21 13.06
N ASN B 224 30.03 9.21 12.33
CA ASN B 224 30.22 10.53 12.89
C ASN B 224 29.02 11.00 13.72
N ILE B 225 27.85 11.16 13.09
CA ILE B 225 26.68 11.67 13.82
C ILE B 225 26.80 11.24 15.26
N ILE B 226 26.76 9.93 15.50
CA ILE B 226 27.01 9.40 16.82
C ILE B 226 28.25 10.06 17.43
N ASN B 227 29.41 9.80 16.83
CA ASN B 227 30.68 10.10 17.45
C ASN B 227 30.95 11.58 17.54
N GLU B 228 30.49 12.33 16.55
CA GLU B 228 30.61 13.76 16.62
C GLU B 228 29.79 14.21 17.80
N ALA B 229 28.76 13.44 18.14
CA ALA B 229 28.00 13.75 19.34
C ALA B 229 28.84 13.45 20.59
N ALA B 230 29.55 12.33 20.57
CA ALA B 230 30.50 11.99 21.62
C ALA B 230 31.50 13.13 21.84
N LEU B 231 32.16 13.55 20.75
CA LEU B 231 33.11 14.67 20.83
C LEU B 231 32.50 15.90 21.50
N LEU B 232 31.19 16.06 21.43
CA LEU B 232 30.57 17.10 22.21
C LEU B 232 30.36 16.64 23.66
N ALA B 233 30.10 15.35 23.81
CA ALA B 233 29.76 14.70 25.08
C ALA B 233 30.95 14.62 26.03
N GLY B 234 31.86 15.57 25.83
CA GLY B 234 33.03 15.81 26.67
C GLY B 234 33.43 17.27 26.52
N ARG B 235 33.02 17.87 25.40
CA ARG B 235 33.37 19.25 25.11
C ARG B 235 32.57 20.18 25.98
N ASN B 236 31.86 19.59 26.94
CA ASN B 236 31.26 20.35 28.04
C ASN B 236 31.38 19.64 29.40
N ASN B 237 32.26 18.64 29.45
CA ASN B 237 32.77 17.99 30.67
C ASN B 237 32.21 16.61 31.01
N GLN B 238 31.00 16.30 30.51
CA GLN B 238 30.21 15.14 30.97
C GLN B 238 30.91 13.76 30.91
N LYS B 239 30.35 12.80 31.65
CA LYS B 239 31.02 11.52 31.97
C LYS B 239 30.32 10.31 31.38
N GLU B 240 29.12 10.55 30.90
CA GLU B 240 28.29 9.54 30.28
C GLU B 240 27.78 10.07 28.94
N VAL B 241 27.75 9.22 27.92
CA VAL B 241 27.20 9.63 26.63
C VAL B 241 25.68 9.62 26.70
N ARG B 242 25.18 10.84 26.79
CA ARG B 242 23.76 11.10 26.92
C ARG B 242 23.18 11.06 25.51
N GLN B 243 21.86 11.03 25.42
CA GLN B 243 21.20 10.93 24.13
C GLN B 243 20.86 12.29 23.59
N GLN B 244 20.77 13.30 24.44
CA GLN B 244 20.59 14.63 23.91
C GLN B 244 21.92 15.19 23.49
N HIS B 245 22.77 14.28 22.99
CA HIS B 245 23.95 14.69 22.25
C HIS B 245 23.61 14.63 20.77
N LEU B 246 22.73 13.70 20.42
CA LEU B 246 22.39 13.43 19.03
C LEU B 246 21.82 14.64 18.27
N LYS B 247 20.49 14.71 18.12
CA LYS B 247 19.84 15.79 17.35
C LYS B 247 20.73 17.00 17.13
N GLU B 248 21.22 17.52 18.26
CA GLU B 248 22.22 18.58 18.40
C GLU B 248 23.03 18.92 17.15
N ALA B 249 23.74 17.93 16.59
CA ALA B 249 24.61 18.19 15.46
C ALA B 249 24.18 17.41 14.25
N VAL B 250 22.90 17.01 14.22
CA VAL B 250 22.34 16.23 13.13
C VAL B 250 21.85 17.18 12.06
N GLU B 251 21.54 18.39 12.52
CA GLU B 251 21.20 19.51 11.65
C GLU B 251 22.49 20.26 11.31
N ARG B 252 23.47 20.09 12.19
CA ARG B 252 24.84 20.56 12.00
C ARG B 252 25.49 19.69 10.94
N GLY B 253 25.37 18.37 11.13
CA GLY B 253 25.67 17.42 10.08
C GLY B 253 24.97 17.79 8.79
N ILE B 254 23.69 18.12 8.87
CA ILE B 254 22.92 18.54 7.70
C ILE B 254 23.73 19.52 6.85
N ALA B 255 24.35 20.51 7.50
CA ALA B 255 25.11 21.54 6.80
C ALA B 255 26.19 20.95 5.85
N GLY B 256 26.15 21.34 4.59
CA GLY B 256 27.17 20.92 3.63
C GLY B 256 26.80 20.91 2.16
N LEU B 257 26.26 19.78 1.70
CA LEU B 257 25.96 19.56 0.29
C LEU B 257 25.01 20.60 -0.24
N GLU B 258 25.44 21.27 -1.31
CA GLU B 258 24.58 22.19 -2.05
C GLU B 258 24.95 22.19 -3.51
N LYS B 259 26.19 21.77 -3.80
CA LYS B 259 26.77 21.81 -5.15
C LYS B 259 27.54 20.53 -5.45
#